data_5ILY
#
_entry.id   5ILY
#
_cell.length_a   126.740
_cell.length_b   126.740
_cell.length_c   124.760
_cell.angle_alpha   90.00
_cell.angle_beta   90.00
_cell.angle_gamma   90.00
#
_symmetry.space_group_name_H-M   'P 41 21 2'
#
loop_
_entity.id
_entity.type
_entity.pdbx_description
1 polymer '5-epi-aristolochene synthase'
2 non-polymer 'MAGNESIUM ION'
3 non-polymer 2-[BIS-(2-HYDROXY-ETHYL)-AMINO]-2-HYDROXYMETHYL-PROPANE-1,3-DIOL
4 non-polymer DIPHOSPHATE
5 water water
#
_entity_poly.entity_id   1
_entity_poly.type   'polypeptide(L)'
_entity_poly.pdbx_seq_one_letter_code
;GSMASAAVANYEEEIVRPVADFSPSLWGDQFLSFSIKNQVAEKYAKEIEALKEQTRNMLLATGMKLADTLNLIDTIERLG
ISYHFEKEIDDILDQIYNQNSNCNDLCTSALQFRLLRQHGFNISPEIFSKFQDENGKFKESLASDVLGLLNLYEASHVRT
HADDILEDALAFSTIHLESAAPHLKSPLREQVTHALEQCLHKGVPRVETRFFISSIYDKEQSKNNVLLRFAKLDFNLLQM
LHKQELAQVSRWWKDLDFVTTLPYARDRVVECYFWALGVYFEPQYSQARVMLVKTISMISIVDDTFDAYGTVKELEAYTD
AIQRWDINEIDRLPDYMKISYKAILDLYKDYEKELSSAGRSHIVCHAIERMKEVVRNYNVESTWFIEGYTPPVSEYLSNA
LATTTYYYLATTSYLGMKSATEQDFEWLSKNPKILEASVIICRVIDDTATYEVEKSRGQIATGIECCMRDYGISTKEAMA
KFQNMAETAWKDINEGLLRPTPVSTEFLTPILNLARIVEVTYIHNLDGYTHPEKVLKPHIINLLVDSIKI
;
_entity_poly.pdbx_strand_id   A
#
loop_
_chem_comp.id
_chem_comp.type
_chem_comp.name
_chem_comp.formula
BTB non-polymer 2-[BIS-(2-HYDROXY-ETHYL)-AMINO]-2-HYDROXYMETHYL-PROPANE-1,3-DIOL 'C8 H19 N O5'
DPO non-polymer DIPHOSPHATE 'O7 P2 -4'
MG non-polymer 'MAGNESIUM ION' 'Mg 2'
#
# COMPACT_ATOMS: atom_id res chain seq x y z
N ILE A 15 -9.27 25.24 25.34
CA ILE A 15 -9.96 26.50 25.51
C ILE A 15 -10.63 26.95 24.21
N VAL A 16 -10.25 26.35 23.07
CA VAL A 16 -10.77 26.83 21.80
C VAL A 16 -12.22 26.27 21.53
N ARG A 17 -12.53 25.03 21.08
CA ARG A 17 -11.71 23.91 20.61
C ARG A 17 -12.48 23.18 19.48
N PRO A 18 -11.82 22.97 18.32
CA PRO A 18 -12.35 22.54 17.00
C PRO A 18 -13.53 21.52 16.91
N VAL A 19 -13.37 20.30 17.42
CA VAL A 19 -14.32 19.19 17.19
C VAL A 19 -14.58 18.90 15.70
N ALA A 20 -13.88 17.92 15.15
CA ALA A 20 -14.12 17.52 13.77
C ALA A 20 -15.33 16.59 13.66
N ASP A 21 -16.01 16.37 14.79
CA ASP A 21 -17.16 15.46 14.85
C ASP A 21 -16.87 14.13 14.16
N PHE A 22 -15.72 13.54 14.49
CA PHE A 22 -15.29 12.28 13.88
C PHE A 22 -16.22 11.10 14.18
N SER A 23 -16.50 10.30 13.15
CA SER A 23 -17.25 9.06 13.36
C SER A 23 -16.37 8.11 14.17
N PRO A 24 -16.97 7.37 15.11
CA PRO A 24 -16.20 6.46 15.97
C PRO A 24 -16.01 5.09 15.32
N SER A 25 -15.05 4.32 15.83
CA SER A 25 -14.82 2.96 15.33
C SER A 25 -16.11 2.20 15.12
N LEU A 26 -16.18 1.44 14.03
CA LEU A 26 -17.39 0.67 13.75
C LEU A 26 -17.20 -0.79 14.11
N TRP A 27 -16.09 -1.12 14.77
CA TRP A 27 -15.75 -2.49 15.06
C TRP A 27 -16.04 -2.89 16.51
N GLY A 28 -15.93 -1.92 17.41
CA GLY A 28 -16.14 -2.18 18.82
C GLY A 28 -15.23 -3.28 19.34
N ASP A 29 -15.84 -4.29 19.95
CA ASP A 29 -15.13 -5.37 20.63
C ASP A 29 -14.66 -6.53 19.74
N GLN A 30 -15.25 -6.66 18.55
CA GLN A 30 -15.27 -7.94 17.82
C GLN A 30 -13.89 -8.52 17.46
N PHE A 31 -12.82 -7.73 17.56
CA PHE A 31 -11.48 -8.25 17.24
C PHE A 31 -10.68 -8.52 18.51
N LEU A 32 -11.16 -7.99 19.62
CA LEU A 32 -10.41 -8.03 20.87
C LEU A 32 -9.99 -9.43 21.29
N SER A 33 -10.81 -10.42 20.97
CA SER A 33 -10.49 -11.76 21.40
C SER A 33 -10.57 -12.76 20.27
N PHE A 34 -9.45 -13.38 19.95
CA PHE A 34 -9.48 -14.42 18.95
C PHE A 34 -8.75 -15.68 19.39
N SER A 35 -9.54 -16.73 19.63
CA SER A 35 -9.02 -18.05 19.95
C SER A 35 -8.82 -18.89 18.69
N ILE A 36 -7.56 -19.08 18.32
CA ILE A 36 -7.20 -19.92 17.18
C ILE A 36 -7.56 -21.38 17.40
N LYS A 37 -8.28 -21.98 16.44
CA LYS A 37 -8.58 -23.41 16.48
C LYS A 37 -7.37 -24.19 16.00
N ASN A 38 -6.55 -24.62 16.95
CA ASN A 38 -5.25 -25.21 16.66
C ASN A 38 -5.38 -26.53 15.93
N GLN A 39 -6.54 -27.16 16.05
CA GLN A 39 -6.80 -28.42 15.37
C GLN A 39 -6.97 -28.12 13.88
N VAL A 40 -7.79 -27.13 13.58
CA VAL A 40 -8.05 -26.73 12.20
C VAL A 40 -6.77 -26.22 11.53
N ALA A 41 -6.02 -25.41 12.27
CA ALA A 41 -4.80 -24.81 11.73
C ALA A 41 -3.82 -25.89 11.32
N GLU A 42 -3.73 -26.95 12.11
CA GLU A 42 -2.83 -28.05 11.79
C GLU A 42 -3.32 -28.85 10.59
N LYS A 43 -4.65 -28.99 10.46
CA LYS A 43 -5.24 -29.67 9.32
C LYS A 43 -4.92 -28.93 8.02
N TYR A 44 -5.15 -27.62 8.00
CA TYR A 44 -4.82 -26.82 6.81
C TYR A 44 -3.34 -26.91 6.44
N ALA A 45 -2.48 -26.72 7.44
CA ALA A 45 -1.04 -26.79 7.23
C ALA A 45 -0.62 -28.14 6.67
N LYS A 46 -1.27 -29.20 7.15
CA LYS A 46 -1.02 -30.56 6.70
C LYS A 46 -1.28 -30.69 5.22
N GLU A 47 -2.48 -30.31 4.79
CA GLU A 47 -2.87 -30.46 3.39
C GLU A 47 -1.99 -29.57 2.50
N ILE A 48 -1.83 -28.32 2.91
CA ILE A 48 -1.08 -27.33 2.16
C ILE A 48 0.32 -27.81 1.77
N GLU A 49 1.00 -28.51 2.68
CA GLU A 49 2.33 -29.03 2.38
C GLU A 49 2.30 -29.93 1.15
N ALA A 50 1.25 -30.73 1.02
CA ALA A 50 1.11 -31.60 -0.14
C ALA A 50 0.87 -30.80 -1.43
N LEU A 51 -0.03 -29.83 -1.34
CA LEU A 51 -0.40 -29.06 -2.51
C LEU A 51 0.73 -28.14 -2.92
N LYS A 52 1.57 -27.76 -1.96
CA LYS A 52 2.73 -26.91 -2.23
C LYS A 52 3.68 -27.61 -3.19
N GLU A 53 3.96 -28.89 -2.92
CA GLU A 53 4.87 -29.66 -3.76
C GLU A 53 4.22 -30.00 -5.09
N GLN A 54 2.91 -30.23 -5.07
CA GLN A 54 2.17 -30.44 -6.30
C GLN A 54 2.32 -29.24 -7.22
N THR A 55 2.34 -28.05 -6.62
CA THR A 55 2.44 -26.80 -7.36
C THR A 55 3.88 -26.51 -7.78
N ARG A 56 4.83 -26.74 -6.87
CA ARG A 56 6.24 -26.57 -7.19
C ARG A 56 6.60 -27.40 -8.41
N ASN A 57 6.07 -28.62 -8.49
CA ASN A 57 6.31 -29.50 -9.63
C ASN A 57 5.58 -29.03 -10.90
N MET A 58 4.40 -28.44 -10.75
CA MET A 58 3.76 -27.76 -11.87
C MET A 58 4.73 -26.73 -12.51
N LEU A 59 5.36 -25.93 -11.65
CA LEU A 59 6.31 -24.93 -12.09
C LEU A 59 7.58 -25.52 -12.73
N LEU A 60 8.05 -26.64 -12.19
CA LEU A 60 9.32 -27.21 -12.63
C LEU A 60 9.13 -28.15 -13.82
N ALA A 61 7.91 -28.18 -14.36
CA ALA A 61 7.61 -28.98 -15.53
C ALA A 61 8.36 -28.44 -16.73
N THR A 62 8.71 -29.32 -17.66
CA THR A 62 9.52 -28.92 -18.80
C THR A 62 8.73 -29.06 -20.09
N GLY A 63 9.23 -28.44 -21.15
CA GLY A 63 8.56 -28.50 -22.44
C GLY A 63 7.21 -27.81 -22.44
N MET A 64 7.08 -26.77 -21.61
CA MET A 64 5.85 -25.99 -21.57
C MET A 64 5.93 -24.80 -22.52
N LYS A 65 4.81 -24.50 -23.17
CA LYS A 65 4.69 -23.31 -24.02
C LYS A 65 4.95 -22.04 -23.20
N LEU A 66 5.46 -21.01 -23.87
CA LEU A 66 5.68 -19.73 -23.21
C LEU A 66 4.40 -19.21 -22.57
N ALA A 67 3.31 -19.26 -23.34
CA ALA A 67 2.02 -18.73 -22.87
C ALA A 67 1.44 -19.55 -21.72
N ASP A 68 1.60 -20.87 -21.76
CA ASP A 68 1.13 -21.71 -20.65
C ASP A 68 1.91 -21.39 -19.38
N THR A 69 3.20 -21.16 -19.54
CA THR A 69 4.08 -20.86 -18.43
C THR A 69 3.70 -19.53 -17.76
N LEU A 70 3.44 -18.52 -18.58
CA LEU A 70 3.07 -17.22 -18.06
C LEU A 70 1.72 -17.24 -17.40
N ASN A 71 0.79 -18.00 -17.97
CA ASN A 71 -0.50 -18.10 -17.33
C ASN A 71 -0.38 -18.78 -15.99
N LEU A 72 0.55 -19.72 -15.88
CA LEU A 72 0.68 -20.44 -14.64
C LEU A 72 1.17 -19.50 -13.56
N ILE A 73 2.22 -18.76 -13.87
CA ILE A 73 2.82 -17.84 -12.90
C ILE A 73 1.83 -16.76 -12.50
N ASP A 74 1.20 -16.14 -13.49
CA ASP A 74 0.19 -15.12 -13.23
C ASP A 74 -0.89 -15.63 -12.28
N THR A 75 -1.36 -16.86 -12.54
CA THR A 75 -2.44 -17.42 -11.75
C THR A 75 -1.98 -17.65 -10.32
N ILE A 76 -0.82 -18.26 -10.17
CA ILE A 76 -0.24 -18.47 -8.86
C ILE A 76 -0.07 -17.15 -8.11
N GLU A 77 0.43 -16.11 -8.77
CA GLU A 77 0.61 -14.81 -8.10
C GLU A 77 -0.69 -14.21 -7.66
N ARG A 78 -1.68 -14.24 -8.55
CA ARG A 78 -2.98 -13.67 -8.24
C ARG A 78 -3.71 -14.46 -7.16
N LEU A 79 -3.40 -15.75 -7.06
CA LEU A 79 -4.01 -16.61 -6.04
C LEU A 79 -3.42 -16.31 -4.66
N GLY A 80 -2.38 -15.47 -4.63
CA GLY A 80 -1.74 -15.06 -3.41
C GLY A 80 -0.80 -16.10 -2.81
N ILE A 81 -0.42 -17.12 -3.59
CA ILE A 81 0.43 -18.18 -3.06
C ILE A 81 1.81 -18.21 -3.68
N SER A 82 2.10 -17.21 -4.50
CA SER A 82 3.43 -17.07 -5.10
C SER A 82 4.58 -16.84 -4.09
N TYR A 83 4.32 -16.32 -2.89
CA TYR A 83 5.44 -16.13 -1.95
C TYR A 83 6.06 -17.48 -1.50
N HIS A 84 5.41 -18.59 -1.86
CA HIS A 84 5.98 -19.91 -1.62
C HIS A 84 7.02 -20.32 -2.66
N PHE A 85 7.13 -19.54 -3.72
CA PHE A 85 7.90 -19.98 -4.88
C PHE A 85 8.76 -18.89 -5.47
N GLU A 86 9.33 -18.04 -4.62
CA GLU A 86 10.11 -16.89 -5.09
C GLU A 86 11.23 -17.36 -6.02
N LYS A 87 11.94 -18.39 -5.57
CA LYS A 87 13.05 -18.95 -6.34
C LYS A 87 12.58 -19.46 -7.69
N GLU A 88 11.63 -20.40 -7.68
CA GLU A 88 11.14 -21.02 -8.91
C GLU A 88 10.68 -19.98 -9.93
N ILE A 89 9.90 -19.02 -9.46
CA ILE A 89 9.30 -18.05 -10.35
C ILE A 89 10.38 -17.11 -10.88
N ASP A 90 11.33 -16.77 -10.03
CA ASP A 90 12.45 -15.96 -10.44
C ASP A 90 13.22 -16.63 -11.57
N ASP A 91 13.59 -17.88 -11.36
CA ASP A 91 14.40 -18.63 -12.32
C ASP A 91 13.73 -18.73 -13.69
N ILE A 92 12.41 -18.87 -13.68
CA ILE A 92 11.69 -18.98 -14.93
C ILE A 92 11.67 -17.64 -15.70
N LEU A 93 11.26 -16.58 -15.02
CA LEU A 93 11.25 -15.24 -15.61
C LEU A 93 12.64 -14.80 -16.10
N ASP A 94 13.69 -15.17 -15.39
CA ASP A 94 15.04 -14.84 -15.81
C ASP A 94 15.37 -15.57 -17.10
N GLN A 95 14.93 -16.83 -17.20
CA GLN A 95 15.19 -17.61 -18.41
C GLN A 95 14.46 -16.96 -19.58
N ILE A 96 13.23 -16.51 -19.32
CA ILE A 96 12.40 -15.91 -20.35
C ILE A 96 12.94 -14.54 -20.80
N TYR A 97 13.41 -13.77 -19.84
CA TYR A 97 13.94 -12.44 -20.09
C TYR A 97 15.15 -12.50 -20.99
N ASN A 98 16.00 -13.50 -20.75
CA ASN A 98 17.23 -13.65 -21.48
C ASN A 98 17.11 -14.38 -22.83
N GLN A 99 15.94 -14.95 -23.13
CA GLN A 99 15.83 -15.79 -24.33
C GLN A 99 15.49 -14.97 -25.57
N ASN A 100 14.75 -13.86 -25.37
CA ASN A 100 14.21 -13.06 -26.46
C ASN A 100 13.44 -13.94 -27.45
N SER A 101 12.19 -14.22 -27.06
CA SER A 101 11.31 -15.18 -27.73
C SER A 101 10.39 -14.49 -28.71
N ASN A 102 9.97 -13.28 -28.30
CA ASN A 102 8.86 -12.52 -28.88
C ASN A 102 8.44 -12.88 -30.30
N CYS A 103 7.68 -13.95 -30.41
CA CYS A 103 6.98 -14.29 -31.63
C CYS A 103 5.52 -14.50 -31.26
N ASN A 104 5.00 -13.65 -30.38
CA ASN A 104 3.70 -13.90 -29.81
C ASN A 104 2.61 -12.88 -30.09
N ASP A 105 1.42 -13.20 -29.57
CA ASP A 105 0.21 -12.40 -29.69
C ASP A 105 0.10 -11.38 -28.56
N LEU A 106 -0.88 -10.50 -28.66
CA LEU A 106 -0.99 -9.37 -27.75
C LEU A 106 -1.10 -9.82 -26.31
N CYS A 107 -2.06 -10.70 -26.08
CA CYS A 107 -2.28 -11.36 -24.81
C CYS A 107 -1.00 -11.81 -24.13
N THR A 108 -0.27 -12.71 -24.77
CA THR A 108 0.97 -13.25 -24.22
C THR A 108 2.09 -12.20 -24.13
N SER A 109 2.14 -11.27 -25.08
CA SER A 109 3.21 -10.28 -25.09
C SER A 109 3.06 -9.29 -23.95
N ALA A 110 1.82 -8.85 -23.73
CA ALA A 110 1.50 -7.93 -22.64
C ALA A 110 1.68 -8.58 -21.27
N LEU A 111 1.27 -9.84 -21.12
CA LEU A 111 1.49 -10.53 -19.85
C LEU A 111 2.98 -10.71 -19.60
N GLN A 112 3.72 -11.05 -20.66
CA GLN A 112 5.16 -11.21 -20.56
C GLN A 112 5.81 -9.90 -20.13
N PHE A 113 5.27 -8.81 -20.65
CA PHE A 113 5.84 -7.52 -20.35
C PHE A 113 5.64 -7.19 -18.89
N ARG A 114 4.40 -7.38 -18.44
CA ARG A 114 4.03 -7.02 -17.07
C ARG A 114 4.75 -7.86 -16.05
N LEU A 115 4.73 -9.18 -16.21
CA LEU A 115 5.35 -10.06 -15.23
C LEU A 115 6.85 -9.77 -15.09
N LEU A 116 7.54 -9.59 -16.20
CA LEU A 116 8.98 -9.34 -16.12
C LEU A 116 9.25 -7.97 -15.49
N ARG A 117 8.46 -6.98 -15.87
CA ARG A 117 8.66 -5.63 -15.34
C ARG A 117 8.40 -5.61 -13.81
N GLN A 118 7.35 -6.32 -13.38
CA GLN A 118 6.97 -6.33 -11.95
C GLN A 118 8.08 -6.98 -11.14
N HIS A 119 8.83 -7.88 -11.77
CA HIS A 119 9.93 -8.54 -11.08
C HIS A 119 11.31 -7.90 -11.34
N GLY A 120 11.36 -6.70 -11.90
CA GLY A 120 12.62 -6.00 -12.10
C GLY A 120 13.40 -6.24 -13.39
N PHE A 121 12.91 -7.16 -14.22
CA PHE A 121 13.51 -7.44 -15.51
C PHE A 121 13.14 -6.38 -16.56
N ASN A 122 14.15 -5.65 -17.02
CA ASN A 122 13.95 -4.49 -17.86
C ASN A 122 13.71 -4.87 -19.31
N ILE A 123 12.63 -5.61 -19.55
CA ILE A 123 12.30 -6.02 -20.91
C ILE A 123 11.96 -4.77 -21.73
N SER A 124 12.41 -4.73 -22.97
CA SER A 124 12.14 -3.58 -23.82
C SER A 124 10.68 -3.48 -24.20
N PRO A 125 10.14 -2.27 -24.23
CA PRO A 125 8.75 -2.10 -24.65
C PRO A 125 8.61 -2.19 -26.18
N GLU A 126 9.72 -2.47 -26.88
CA GLU A 126 9.67 -2.70 -28.32
C GLU A 126 8.81 -3.92 -28.64
N ILE A 127 8.64 -4.82 -27.67
CA ILE A 127 7.79 -6.00 -27.84
C ILE A 127 6.42 -5.63 -28.39
N PHE A 128 5.98 -4.38 -28.16
CA PHE A 128 4.65 -3.94 -28.55
C PHE A 128 4.59 -3.32 -29.96
N SER A 129 5.74 -3.11 -30.59
CA SER A 129 5.80 -2.50 -31.93
C SER A 129 4.95 -3.19 -33.00
N LYS A 130 4.92 -4.52 -32.99
CA LYS A 130 4.13 -5.24 -33.99
C LYS A 130 2.62 -4.98 -33.84
N PHE A 131 2.18 -4.45 -32.70
CA PHE A 131 0.76 -4.22 -32.49
C PHE A 131 0.33 -2.77 -32.76
N GLN A 132 1.24 -1.96 -33.29
CA GLN A 132 0.98 -0.56 -33.55
C GLN A 132 1.23 -0.20 -35.00
N ASP A 133 0.68 0.94 -35.42
CA ASP A 133 0.98 1.48 -36.75
C ASP A 133 2.25 2.33 -36.73
N GLU A 134 2.42 3.13 -37.78
CA GLU A 134 3.60 3.98 -37.91
C GLU A 134 3.46 5.26 -37.12
N ASN A 135 2.35 5.39 -36.41
CA ASN A 135 2.11 6.57 -35.58
C ASN A 135 2.28 6.19 -34.10
N GLY A 136 2.57 4.91 -33.87
CA GLY A 136 2.76 4.41 -32.52
C GLY A 136 1.44 4.25 -31.78
N LYS A 137 0.34 4.41 -32.51
CA LYS A 137 -0.99 4.16 -31.94
C LYS A 137 -1.37 2.71 -32.18
N PHE A 138 -2.01 2.09 -31.18
CA PHE A 138 -2.37 0.67 -31.27
C PHE A 138 -3.36 0.41 -32.40
N LYS A 139 -3.15 -0.69 -33.12
CA LYS A 139 -4.02 -1.06 -34.22
C LYS A 139 -5.42 -1.35 -33.70
N GLU A 140 -6.39 -0.58 -34.18
CA GLU A 140 -7.78 -0.74 -33.76
C GLU A 140 -8.35 -2.10 -34.20
N SER A 141 -7.63 -2.79 -35.09
CA SER A 141 -8.03 -4.13 -35.49
C SER A 141 -7.94 -5.07 -34.30
N LEU A 142 -7.17 -4.69 -33.28
CA LEU A 142 -7.03 -5.49 -32.07
C LEU A 142 -8.21 -5.30 -31.11
N ALA A 143 -9.13 -4.42 -31.47
CA ALA A 143 -10.17 -4.01 -30.54
C ALA A 143 -11.17 -5.14 -30.21
N SER A 144 -11.02 -6.30 -30.84
CA SER A 144 -11.91 -7.41 -30.54
C SER A 144 -11.17 -8.62 -29.97
N ASP A 145 -9.98 -8.39 -29.41
CA ASP A 145 -9.21 -9.42 -28.70
C ASP A 145 -9.30 -9.08 -27.23
N VAL A 146 -10.38 -9.53 -26.58
CA VAL A 146 -10.68 -9.04 -25.24
C VAL A 146 -9.62 -9.49 -24.23
N LEU A 147 -9.12 -10.71 -24.36
CA LEU A 147 -8.07 -11.17 -23.46
C LEU A 147 -6.78 -10.36 -23.68
N GLY A 148 -6.51 -10.02 -24.94
CA GLY A 148 -5.36 -9.20 -25.28
C GLY A 148 -5.52 -7.80 -24.73
N LEU A 149 -6.70 -7.21 -24.90
CA LEU A 149 -7.00 -5.90 -24.32
C LEU A 149 -6.85 -5.93 -22.80
N LEU A 150 -7.37 -6.98 -22.18
CA LEU A 150 -7.29 -7.08 -20.74
C LEU A 150 -5.85 -7.08 -20.27
N ASN A 151 -5.00 -7.84 -20.95
CA ASN A 151 -3.64 -7.96 -20.47
C ASN A 151 -2.82 -6.73 -20.78
N LEU A 152 -3.21 -6.01 -21.82
CA LEU A 152 -2.53 -4.78 -22.17
C LEU A 152 -2.86 -3.73 -21.12
N TYR A 153 -4.15 -3.62 -20.78
CA TYR A 153 -4.63 -2.72 -19.75
C TYR A 153 -3.80 -2.84 -18.49
N GLU A 154 -3.67 -4.07 -18.00
CA GLU A 154 -2.85 -4.35 -16.83
C GLU A 154 -1.42 -3.89 -17.05
N ALA A 155 -0.84 -4.24 -18.21
CA ALA A 155 0.55 -3.96 -18.46
C ALA A 155 0.79 -2.46 -18.52
N SER A 156 -0.21 -1.71 -18.96
CA SER A 156 -0.05 -0.29 -19.18
C SER A 156 0.23 0.48 -17.88
N HIS A 157 -0.09 -0.15 -16.74
CA HIS A 157 0.15 0.48 -15.45
C HIS A 157 1.57 0.24 -14.91
N VAL A 158 2.39 -0.53 -15.60
CA VAL A 158 3.76 -0.64 -15.12
C VAL A 158 4.74 0.13 -16.00
N ARG A 159 4.26 1.16 -16.70
CA ARG A 159 5.14 1.96 -17.55
C ARG A 159 6.21 2.69 -16.73
N THR A 160 7.39 2.89 -17.31
CA THR A 160 8.38 3.85 -16.79
C THR A 160 8.47 5.05 -17.72
N HIS A 161 9.35 5.99 -17.42
CA HIS A 161 9.49 7.17 -18.27
C HIS A 161 10.04 6.82 -19.64
N ALA A 162 10.76 5.69 -19.71
CA ALA A 162 11.33 5.24 -20.97
C ALA A 162 10.31 4.51 -21.85
N ASP A 163 9.08 4.36 -21.38
CA ASP A 163 8.10 3.55 -22.10
C ASP A 163 7.02 4.36 -22.81
N ASP A 164 7.38 5.49 -23.38
CA ASP A 164 6.39 6.36 -24.02
C ASP A 164 5.67 5.71 -25.21
N ILE A 165 6.23 4.63 -25.72
CA ILE A 165 5.56 3.84 -26.72
C ILE A 165 4.22 3.29 -26.17
N LEU A 166 4.14 3.09 -24.86
CA LEU A 166 2.92 2.60 -24.23
C LEU A 166 1.91 3.70 -23.89
N GLU A 167 2.24 4.95 -24.25
CA GLU A 167 1.39 6.11 -23.99
C GLU A 167 -0.08 5.92 -24.35
N ASP A 168 -0.37 5.21 -25.44
CA ASP A 168 -1.74 5.02 -25.90
C ASP A 168 -2.44 3.83 -25.22
N ALA A 169 -1.66 2.93 -24.62
CA ALA A 169 -2.16 1.64 -24.15
C ALA A 169 -3.36 1.70 -23.20
N LEU A 170 -3.32 2.61 -22.23
CA LEU A 170 -4.38 2.68 -21.24
C LEU A 170 -5.67 3.14 -21.87
N ALA A 171 -5.61 4.25 -22.56
CA ALA A 171 -6.78 4.81 -23.21
C ALA A 171 -7.41 3.82 -24.19
N PHE A 172 -6.57 3.13 -24.96
CA PHE A 172 -7.03 2.28 -26.04
C PHE A 172 -7.70 1.04 -25.45
N SER A 173 -6.98 0.36 -24.57
CA SER A 173 -7.51 -0.83 -23.94
C SER A 173 -8.79 -0.51 -23.14
N THR A 174 -8.77 0.58 -22.38
CA THR A 174 -9.91 0.94 -21.54
C THR A 174 -11.18 1.05 -22.37
N ILE A 175 -11.11 1.80 -23.45
CA ILE A 175 -12.34 2.14 -24.15
C ILE A 175 -13.00 0.89 -24.77
N HIS A 176 -12.19 -0.08 -25.18
CA HIS A 176 -12.73 -1.26 -25.84
C HIS A 176 -13.13 -2.33 -24.84
N LEU A 177 -12.49 -2.32 -23.68
CA LEU A 177 -12.93 -3.19 -22.61
C LEU A 177 -14.31 -2.75 -22.14
N GLU A 178 -14.50 -1.45 -21.99
CA GLU A 178 -15.80 -0.96 -21.55
C GLU A 178 -16.87 -1.34 -22.55
N SER A 179 -16.53 -1.27 -23.83
CA SER A 179 -17.48 -1.54 -24.89
C SER A 179 -17.83 -3.03 -24.96
N ALA A 180 -16.86 -3.87 -24.63
CA ALA A 180 -17.03 -5.31 -24.71
C ALA A 180 -17.76 -5.89 -23.49
N ALA A 181 -17.36 -5.45 -22.30
CA ALA A 181 -17.75 -6.06 -21.03
C ALA A 181 -19.20 -6.55 -20.90
N PRO A 182 -20.20 -5.72 -21.25
CA PRO A 182 -21.56 -6.17 -20.95
C PRO A 182 -21.94 -7.50 -21.60
N HIS A 183 -21.25 -7.87 -22.67
CA HIS A 183 -21.64 -9.06 -23.44
C HIS A 183 -20.69 -10.23 -23.23
N LEU A 184 -19.72 -10.06 -22.35
CA LEU A 184 -18.80 -11.13 -22.01
C LEU A 184 -19.44 -12.16 -21.09
N LYS A 185 -18.94 -13.38 -21.15
CA LYS A 185 -19.41 -14.47 -20.29
C LYS A 185 -18.80 -14.29 -18.90
N SER A 186 -19.44 -14.85 -17.87
CA SER A 186 -18.87 -14.82 -16.53
C SER A 186 -17.91 -15.99 -16.30
N PRO A 187 -16.88 -15.80 -15.49
CA PRO A 187 -16.53 -14.64 -14.66
C PRO A 187 -15.66 -13.59 -15.35
N LEU A 188 -15.32 -13.80 -16.62
CA LEU A 188 -14.50 -12.85 -17.36
C LEU A 188 -15.04 -11.42 -17.29
N ARG A 189 -16.36 -11.28 -17.43
CA ARG A 189 -17.01 -9.98 -17.36
C ARG A 189 -16.70 -9.30 -16.03
N GLU A 190 -16.86 -10.06 -14.95
CA GLU A 190 -16.65 -9.54 -13.62
C GLU A 190 -15.19 -9.15 -13.47
N GLN A 191 -14.31 -9.88 -14.16
CA GLN A 191 -12.89 -9.63 -14.03
C GLN A 191 -12.49 -8.40 -14.81
N VAL A 192 -13.12 -8.22 -15.97
CA VAL A 192 -12.89 -7.01 -16.73
C VAL A 192 -13.38 -5.77 -15.96
N THR A 193 -14.63 -5.81 -15.52
CA THR A 193 -15.28 -4.72 -14.80
C THR A 193 -14.49 -4.31 -13.58
N HIS A 194 -13.94 -5.32 -12.91
CA HIS A 194 -13.16 -5.10 -11.73
C HIS A 194 -11.83 -4.45 -12.07
N ALA A 195 -11.19 -4.93 -13.14
CA ALA A 195 -9.88 -4.39 -13.55
C ALA A 195 -10.01 -2.91 -13.92
N LEU A 196 -11.09 -2.57 -14.62
CA LEU A 196 -11.38 -1.20 -14.97
C LEU A 196 -11.49 -0.31 -13.76
N GLU A 197 -11.99 -0.87 -12.65
CA GLU A 197 -12.07 -0.07 -11.43
C GLU A 197 -10.78 -0.10 -10.60
N GLN A 198 -10.08 -1.23 -10.61
CA GLN A 198 -8.87 -1.42 -9.81
C GLN A 198 -7.88 -2.30 -10.55
N CYS A 199 -6.83 -1.73 -11.08
CA CYS A 199 -5.91 -2.50 -11.88
C CYS A 199 -5.05 -3.32 -10.93
N LEU A 200 -4.47 -4.40 -11.43
CA LEU A 200 -3.79 -5.33 -10.57
C LEU A 200 -2.56 -4.72 -9.90
N HIS A 201 -1.72 -4.10 -10.72
CA HIS A 201 -0.42 -3.57 -10.27
C HIS A 201 -0.50 -2.55 -9.12
N LYS A 202 -1.53 -1.70 -9.13
CA LYS A 202 -1.67 -0.65 -8.13
C LYS A 202 -2.65 -1.04 -7.00
N GLY A 203 -3.02 -2.31 -6.92
CA GLY A 203 -3.91 -2.78 -5.88
C GLY A 203 -3.18 -3.35 -4.68
N VAL A 204 -3.87 -3.42 -3.53
CA VAL A 204 -3.33 -4.10 -2.36
C VAL A 204 -3.43 -5.63 -2.55
N PRO A 205 -2.28 -6.34 -2.45
CA PRO A 205 -2.22 -7.76 -2.81
C PRO A 205 -3.28 -8.64 -2.13
N ARG A 206 -3.47 -8.56 -0.82
CA ARG A 206 -4.47 -9.41 -0.17
C ARG A 206 -5.86 -9.08 -0.68
N VAL A 207 -6.14 -7.81 -0.94
CA VAL A 207 -7.45 -7.42 -1.45
C VAL A 207 -7.72 -8.05 -2.82
N GLU A 208 -6.75 -7.89 -3.70
CA GLU A 208 -6.87 -8.37 -5.05
C GLU A 208 -6.97 -9.89 -5.07
N THR A 209 -6.17 -10.55 -4.21
CA THR A 209 -6.21 -11.99 -4.04
C THR A 209 -7.56 -12.56 -3.52
N ARG A 210 -8.12 -11.93 -2.49
CA ARG A 210 -9.44 -12.34 -2.01
C ARG A 210 -10.46 -12.27 -3.13
N PHE A 211 -10.43 -11.20 -3.90
CA PHE A 211 -11.37 -11.04 -5.00
C PHE A 211 -11.16 -12.13 -6.04
N PHE A 212 -9.89 -12.35 -6.40
CA PHE A 212 -9.58 -13.26 -7.49
C PHE A 212 -10.02 -14.68 -7.15
N ILE A 213 -9.50 -15.18 -6.01
CA ILE A 213 -9.83 -16.50 -5.52
C ILE A 213 -11.32 -16.71 -5.48
N SER A 214 -12.03 -15.81 -4.85
CA SER A 214 -13.43 -16.03 -4.54
C SER A 214 -14.37 -15.66 -5.70
N SER A 215 -14.15 -14.51 -6.35
CA SER A 215 -15.08 -14.07 -7.38
C SER A 215 -14.73 -14.56 -8.80
N ILE A 216 -13.47 -14.89 -9.04
CA ILE A 216 -13.07 -15.24 -10.39
C ILE A 216 -12.63 -16.69 -10.53
N TYR A 217 -11.48 -17.06 -9.94
CA TYR A 217 -10.90 -18.36 -10.19
C TYR A 217 -11.84 -19.48 -9.76
N ASP A 218 -12.55 -19.25 -8.66
CA ASP A 218 -13.45 -20.28 -8.15
C ASP A 218 -14.61 -20.57 -9.09
N LYS A 219 -14.85 -19.64 -10.02
CA LYS A 219 -15.98 -19.75 -10.94
C LYS A 219 -15.55 -19.97 -12.39
N GLU A 220 -14.25 -20.11 -12.63
CA GLU A 220 -13.76 -20.45 -13.95
C GLU A 220 -14.16 -21.86 -14.30
N GLN A 221 -14.63 -22.05 -15.53
CA GLN A 221 -14.94 -23.38 -16.05
C GLN A 221 -13.74 -24.33 -15.94
N SER A 222 -12.54 -23.78 -16.05
CA SER A 222 -11.34 -24.57 -16.24
C SER A 222 -10.26 -24.41 -15.17
N LYS A 223 -10.65 -24.01 -13.97
CA LYS A 223 -9.68 -23.80 -12.91
C LYS A 223 -8.86 -25.06 -12.64
N ASN A 224 -7.62 -24.89 -12.22
CA ASN A 224 -6.89 -26.03 -11.69
C ASN A 224 -7.29 -26.21 -10.22
N ASN A 225 -7.93 -27.34 -9.92
CA ASN A 225 -8.46 -27.63 -8.59
C ASN A 225 -7.41 -27.68 -7.50
N VAL A 226 -6.22 -28.13 -7.85
CA VAL A 226 -5.14 -28.16 -6.90
C VAL A 226 -4.79 -26.72 -6.49
N LEU A 227 -4.65 -25.85 -7.49
CA LEU A 227 -4.29 -24.47 -7.21
C LEU A 227 -5.39 -23.73 -6.47
N LEU A 228 -6.63 -24.04 -6.81
CA LEU A 228 -7.76 -23.39 -6.14
C LEU A 228 -7.79 -23.77 -4.67
N ARG A 229 -7.54 -25.03 -4.40
CA ARG A 229 -7.65 -25.54 -3.04
C ARG A 229 -6.50 -25.01 -2.22
N PHE A 230 -5.33 -25.00 -2.84
CA PHE A 230 -4.11 -24.45 -2.26
C PHE A 230 -4.39 -23.01 -1.82
N ALA A 231 -4.97 -22.23 -2.71
CA ALA A 231 -5.08 -20.80 -2.42
C ALA A 231 -6.11 -20.53 -1.32
N LYS A 232 -7.23 -21.24 -1.34
CA LYS A 232 -8.25 -21.08 -0.30
C LYS A 232 -7.69 -21.43 1.08
N LEU A 233 -7.01 -22.56 1.16
CA LEU A 233 -6.46 -23.01 2.44
C LEU A 233 -5.39 -22.04 2.94
N ASP A 234 -4.50 -21.61 2.06
CA ASP A 234 -3.41 -20.72 2.47
C ASP A 234 -3.97 -19.37 2.94
N PHE A 235 -4.92 -18.82 2.20
CA PHE A 235 -5.57 -17.59 2.61
C PHE A 235 -6.20 -17.71 4.01
N ASN A 236 -7.15 -18.64 4.16
CA ASN A 236 -7.81 -18.87 5.43
C ASN A 236 -6.83 -19.14 6.57
N LEU A 237 -5.66 -19.69 6.24
CA LEU A 237 -4.68 -20.00 7.25
C LEU A 237 -3.91 -18.76 7.68
N LEU A 238 -3.45 -17.96 6.71
CA LEU A 238 -2.78 -16.71 7.05
C LEU A 238 -3.75 -15.79 7.79
N GLN A 239 -5.01 -15.76 7.36
CA GLN A 239 -6.01 -14.91 8.00
C GLN A 239 -6.13 -15.21 9.51
N MET A 240 -5.94 -16.48 9.90
CA MET A 240 -5.93 -16.84 11.32
C MET A 240 -4.80 -16.13 12.06
N LEU A 241 -3.65 -16.03 11.41
CA LEU A 241 -2.52 -15.33 12.01
C LEU A 241 -2.83 -13.83 12.11
N HIS A 242 -3.38 -13.29 11.02
CA HIS A 242 -3.74 -11.88 11.00
C HIS A 242 -4.68 -11.56 12.15
N LYS A 243 -5.65 -12.43 12.37
CA LYS A 243 -6.66 -12.23 13.40
C LYS A 243 -6.02 -12.29 14.79
N GLN A 244 -4.95 -13.06 14.91
CA GLN A 244 -4.25 -13.14 16.19
C GLN A 244 -3.51 -11.85 16.45
N GLU A 245 -2.91 -11.31 15.39
CA GLU A 245 -2.16 -10.08 15.51
C GLU A 245 -3.08 -8.91 15.87
N LEU A 246 -4.21 -8.81 15.17
CA LEU A 246 -5.19 -7.77 15.45
C LEU A 246 -5.77 -7.83 16.88
N ALA A 247 -5.90 -9.04 17.41
CA ALA A 247 -6.42 -9.21 18.77
C ALA A 247 -5.40 -8.65 19.74
N GLN A 248 -4.16 -9.09 19.55
CA GLN A 248 -3.05 -8.67 20.38
C GLN A 248 -2.90 -7.14 20.33
N VAL A 249 -3.06 -6.59 19.13
CA VAL A 249 -3.00 -5.15 18.91
C VAL A 249 -4.23 -4.41 19.46
N SER A 250 -5.42 -5.00 19.28
CA SER A 250 -6.63 -4.42 19.88
C SER A 250 -6.48 -4.31 21.41
N ARG A 251 -5.84 -5.30 22.03
CA ARG A 251 -5.66 -5.29 23.47
C ARG A 251 -4.68 -4.20 23.87
N TRP A 252 -3.59 -4.09 23.11
CA TRP A 252 -2.62 -3.03 23.32
C TRP A 252 -3.32 -1.67 23.27
N TRP A 253 -4.10 -1.45 22.20
CA TRP A 253 -4.85 -0.21 22.01
C TRP A 253 -5.87 0.06 23.13
N LYS A 254 -6.57 -0.97 23.58
CA LYS A 254 -7.64 -0.79 24.55
C LYS A 254 -7.08 -0.37 25.89
N ASP A 255 -5.91 -0.90 26.23
CA ASP A 255 -5.23 -0.59 27.50
C ASP A 255 -4.59 0.80 27.47
N LEU A 256 -4.59 1.42 26.30
CA LEU A 256 -4.16 2.82 26.16
C LEU A 256 -5.34 3.78 26.33
N ASP A 257 -6.55 3.30 26.10
CA ASP A 257 -7.80 4.05 26.32
C ASP A 257 -7.77 5.49 25.80
N PHE A 258 -7.21 5.70 24.60
CA PHE A 258 -7.24 7.01 23.97
C PHE A 258 -8.65 7.32 23.50
N VAL A 259 -9.48 6.28 23.45
CA VAL A 259 -10.88 6.41 23.11
C VAL A 259 -11.62 7.37 24.03
N THR A 260 -11.17 7.46 25.28
CA THR A 260 -11.78 8.40 26.20
C THR A 260 -10.79 9.49 26.61
N THR A 261 -9.57 9.11 26.96
CA THR A 261 -8.60 10.09 27.44
C THR A 261 -8.10 11.01 26.34
N LEU A 262 -8.34 10.64 25.07
CA LEU A 262 -8.00 11.50 23.94
C LEU A 262 -9.11 11.52 22.88
N PRO A 263 -10.31 11.98 23.26
CA PRO A 263 -11.54 11.81 22.49
C PRO A 263 -11.51 12.53 21.16
N TYR A 264 -10.63 13.52 21.05
CA TYR A 264 -10.58 14.35 19.86
C TYR A 264 -10.06 13.61 18.65
N ALA A 265 -9.28 12.56 18.89
CA ALA A 265 -8.62 11.83 17.81
C ALA A 265 -9.52 10.76 17.16
N ARG A 266 -9.20 10.46 15.91
CA ARG A 266 -9.81 9.37 15.16
C ARG A 266 -9.47 8.03 15.78
N ASP A 267 -10.49 7.22 16.05
CA ASP A 267 -10.29 5.90 16.65
C ASP A 267 -10.25 4.82 15.56
N ARG A 268 -9.06 4.53 15.05
CA ARG A 268 -8.94 3.75 13.80
C ARG A 268 -7.84 2.69 13.77
N VAL A 269 -7.62 2.01 14.88
CA VAL A 269 -6.54 1.04 14.96
C VAL A 269 -6.74 -0.14 14.01
N VAL A 270 -7.99 -0.50 13.72
CA VAL A 270 -8.23 -1.62 12.81
C VAL A 270 -7.82 -1.25 11.38
N GLU A 271 -8.29 -0.09 10.94
CA GLU A 271 -7.86 0.51 9.69
C GLU A 271 -6.33 0.63 9.64
N CYS A 272 -5.73 0.94 10.79
CA CYS A 272 -4.27 0.94 10.86
C CYS A 272 -3.70 -0.46 10.61
N TYR A 273 -4.37 -1.48 11.14
CA TYR A 273 -3.87 -2.82 10.95
C TYR A 273 -3.98 -3.21 9.49
N PHE A 274 -5.11 -2.89 8.88
CA PHE A 274 -5.30 -3.08 7.44
C PHE A 274 -4.12 -2.48 6.67
N TRP A 275 -3.75 -1.26 7.07
N TRP A 275 -3.73 -1.27 7.07
CA TRP A 275 -2.63 -0.54 6.48
CA TRP A 275 -2.63 -0.56 6.41
C TRP A 275 -1.36 -1.37 6.57
C TRP A 275 -1.30 -1.29 6.59
N ALA A 276 -1.05 -1.83 7.77
CA ALA A 276 0.17 -2.60 7.99
C ALA A 276 0.12 -3.93 7.23
N LEU A 277 -1.09 -4.45 7.05
CA LEU A 277 -1.24 -5.73 6.40
C LEU A 277 -0.98 -5.56 4.90
N GLY A 278 -1.35 -4.38 4.38
CA GLY A 278 -1.03 -3.98 3.02
C GLY A 278 0.46 -3.95 2.73
N VAL A 279 1.25 -3.52 3.71
CA VAL A 279 2.69 -3.45 3.53
C VAL A 279 3.31 -4.82 3.40
N TYR A 280 2.90 -5.74 4.25
CA TYR A 280 3.22 -7.15 4.08
C TYR A 280 2.21 -8.05 4.78
N PHE A 281 1.90 -9.18 4.14
CA PHE A 281 0.98 -10.15 4.73
C PHE A 281 1.67 -11.45 5.13
N GLU A 282 2.88 -11.69 4.62
CA GLU A 282 3.56 -12.97 4.79
C GLU A 282 3.79 -13.28 6.26
N PRO A 283 3.80 -14.57 6.62
CA PRO A 283 4.01 -14.99 8.01
C PRO A 283 5.30 -14.47 8.58
N GLN A 284 6.37 -14.45 7.80
CA GLN A 284 7.69 -14.15 8.36
C GLN A 284 7.81 -12.68 8.79
N TYR A 285 6.82 -11.88 8.39
CA TYR A 285 6.76 -10.48 8.74
C TYR A 285 5.76 -10.19 9.87
N SER A 286 5.45 -11.17 10.69
CA SER A 286 4.49 -10.97 11.79
C SER A 286 4.95 -9.90 12.79
N GLN A 287 6.16 -10.03 13.29
CA GLN A 287 6.72 -9.04 14.19
C GLN A 287 6.73 -7.65 13.56
N ALA A 288 7.10 -7.58 12.28
CA ALA A 288 7.16 -6.31 11.60
C ALA A 288 5.78 -5.64 11.53
N ARG A 289 4.76 -6.43 11.21
CA ARG A 289 3.40 -5.91 11.08
C ARG A 289 2.94 -5.29 12.40
N VAL A 290 3.23 -5.99 13.48
CA VAL A 290 2.74 -5.61 14.79
C VAL A 290 3.47 -4.35 15.25
N MET A 291 4.77 -4.26 15.00
CA MET A 291 5.51 -3.02 15.27
C MET A 291 4.98 -1.87 14.40
N LEU A 292 4.82 -2.13 13.11
CA LEU A 292 4.37 -1.09 12.19
C LEU A 292 3.04 -0.49 12.62
N VAL A 293 2.02 -1.33 12.79
CA VAL A 293 0.67 -0.85 13.09
C VAL A 293 0.63 -0.02 14.38
N LYS A 294 1.44 -0.38 15.36
CA LYS A 294 1.51 0.39 16.59
C LYS A 294 1.97 1.80 16.26
N THR A 295 2.92 1.90 15.35
CA THR A 295 3.47 3.18 14.96
C THR A 295 2.48 3.99 14.15
N ILE A 296 1.82 3.33 13.21
CA ILE A 296 0.83 3.98 12.38
C ILE A 296 -0.29 4.61 13.21
N SER A 297 -0.75 3.90 14.23
CA SER A 297 -1.91 4.37 14.96
C SER A 297 -1.48 5.44 15.90
N MET A 298 -0.26 5.32 16.38
CA MET A 298 0.29 6.30 17.31
C MET A 298 0.55 7.65 16.62
N ILE A 299 1.14 7.63 15.43
CA ILE A 299 1.41 8.90 14.76
C ILE A 299 0.08 9.48 14.29
N SER A 300 -0.91 8.63 14.14
CA SER A 300 -2.23 9.09 13.75
C SER A 300 -2.84 9.96 14.83
N ILE A 301 -2.46 9.70 16.08
CA ILE A 301 -2.91 10.50 17.22
C ILE A 301 -2.29 11.88 17.16
N VAL A 302 -1.03 11.91 16.75
CA VAL A 302 -0.29 13.15 16.64
C VAL A 302 -0.83 14.03 15.51
N ASP A 303 -1.12 13.45 14.35
CA ASP A 303 -1.69 14.24 13.25
C ASP A 303 -3.00 14.86 13.72
N ASP A 304 -3.70 14.14 14.60
CA ASP A 304 -4.98 14.60 15.09
C ASP A 304 -4.83 15.67 16.19
N THR A 305 -3.62 15.84 16.72
CA THR A 305 -3.41 16.88 17.72
C THR A 305 -2.93 18.18 17.05
N PHE A 306 -2.10 18.04 16.02
CA PHE A 306 -1.64 19.20 15.26
C PHE A 306 -2.73 19.76 14.35
N ASP A 307 -3.60 18.88 13.86
CA ASP A 307 -4.81 19.29 13.15
C ASP A 307 -6.03 19.06 14.07
N ALA A 308 -6.74 20.14 14.38
CA ALA A 308 -7.79 20.19 15.42
C ALA A 308 -7.24 19.91 16.82
N TYR A 309 -7.78 20.63 17.81
CA TYR A 309 -7.39 20.52 19.22
C TYR A 309 -6.00 21.09 19.48
N GLY A 310 -5.32 21.58 18.44
CA GLY A 310 -3.96 22.08 18.61
C GLY A 310 -3.74 23.59 18.57
N THR A 311 -3.72 24.23 19.73
CA THR A 311 -3.33 25.64 19.79
C THR A 311 -1.84 25.76 19.53
N VAL A 312 -1.46 26.73 18.69
CA VAL A 312 -0.05 26.98 18.34
C VAL A 312 0.87 27.00 19.57
N LYS A 313 0.39 27.61 20.65
CA LYS A 313 1.08 27.60 21.94
C LYS A 313 1.43 26.16 22.32
N GLU A 314 0.39 25.33 22.49
CA GLU A 314 0.55 23.93 22.94
C GLU A 314 1.38 23.05 22.00
N LEU A 315 1.25 23.25 20.70
CA LEU A 315 1.94 22.36 19.77
C LEU A 315 3.43 22.62 19.82
N GLU A 316 3.80 23.85 20.19
CA GLU A 316 5.19 24.22 20.30
C GLU A 316 5.91 23.38 21.34
N ALA A 317 5.38 23.37 22.56
CA ALA A 317 6.01 22.63 23.65
C ALA A 317 6.16 21.15 23.28
N TYR A 318 5.13 20.58 22.65
CA TYR A 318 5.14 19.19 22.22
C TYR A 318 6.29 18.90 21.25
N THR A 319 6.37 19.70 20.20
CA THR A 319 7.45 19.61 19.22
C THR A 319 8.83 19.66 19.87
N ASP A 320 8.98 20.56 20.83
CA ASP A 320 10.25 20.67 21.53
C ASP A 320 10.50 19.43 22.40
N ALA A 321 9.42 18.88 22.95
CA ALA A 321 9.54 17.68 23.78
C ALA A 321 9.96 16.48 22.95
N ILE A 322 9.43 16.36 21.74
CA ILE A 322 9.80 15.25 20.88
C ILE A 322 11.27 15.32 20.45
N GLN A 323 11.73 16.52 20.06
CA GLN A 323 13.13 16.70 19.69
C GLN A 323 14.08 16.30 20.83
N ARG A 324 13.78 16.77 22.03
CA ARG A 324 14.61 16.49 23.19
C ARG A 324 14.43 15.05 23.66
N TRP A 325 13.24 14.49 23.44
CA TRP A 325 12.99 13.06 23.62
C TRP A 325 13.43 12.58 24.98
N ASP A 326 12.65 12.92 26.00
CA ASP A 326 13.02 12.67 27.39
C ASP A 326 11.83 12.86 28.30
N ILE A 327 11.54 11.83 29.09
CA ILE A 327 10.38 11.89 30.00
C ILE A 327 10.44 13.11 30.91
N ASN A 328 11.64 13.63 31.20
CA ASN A 328 11.81 14.84 32.02
C ASN A 328 11.05 16.05 31.50
N GLU A 329 10.63 16.00 30.24
CA GLU A 329 9.97 17.14 29.62
C GLU A 329 8.46 17.07 29.68
N ILE A 330 7.91 16.00 30.26
CA ILE A 330 6.46 15.84 30.33
C ILE A 330 5.81 16.94 31.16
N ASP A 331 6.51 17.43 32.18
CA ASP A 331 5.96 18.44 33.10
C ASP A 331 5.78 19.77 32.40
N ARG A 332 6.47 19.92 31.26
CA ARG A 332 6.36 21.13 30.44
C ARG A 332 5.10 21.09 29.57
N LEU A 333 4.44 19.94 29.53
CA LEU A 333 3.32 19.73 28.61
C LEU A 333 1.94 19.80 29.26
N PRO A 334 0.93 20.24 28.48
CA PRO A 334 -0.47 20.12 28.92
C PRO A 334 -0.82 18.66 29.20
N ASP A 335 -1.72 18.43 30.15
CA ASP A 335 -2.03 17.09 30.65
C ASP A 335 -2.36 16.03 29.59
N TYR A 336 -3.17 16.41 28.60
CA TYR A 336 -3.57 15.48 27.57
C TYR A 336 -2.42 15.16 26.65
N MET A 337 -1.50 16.11 26.53
CA MET A 337 -0.33 15.90 25.71
C MET A 337 0.66 15.00 26.42
N LYS A 338 0.63 15.03 27.74
CA LYS A 338 1.49 14.13 28.49
C LYS A 338 1.13 12.68 28.15
N ILE A 339 -0.17 12.40 28.13
CA ILE A 339 -0.69 11.07 27.79
C ILE A 339 -0.05 10.52 26.52
N SER A 340 -0.17 11.28 25.43
CA SER A 340 0.36 10.87 24.14
C SER A 340 1.87 10.68 24.18
N TYR A 341 2.54 11.55 24.91
CA TYR A 341 4.00 11.66 24.85
C TYR A 341 4.72 10.55 25.61
N LYS A 342 4.17 10.07 26.72
CA LYS A 342 4.79 8.95 27.40
C LYS A 342 4.47 7.67 26.65
N ALA A 343 3.32 7.66 25.98
CA ALA A 343 2.97 6.51 25.18
C ALA A 343 4.03 6.34 24.08
N ILE A 344 4.42 7.44 23.46
CA ILE A 344 5.38 7.36 22.37
C ILE A 344 6.72 6.85 22.87
N LEU A 345 7.19 7.43 23.96
CA LEU A 345 8.50 7.10 24.46
C LEU A 345 8.54 5.65 24.94
N ASP A 346 7.46 5.23 25.60
CA ASP A 346 7.28 3.85 26.05
C ASP A 346 7.34 2.88 24.88
N LEU A 347 6.61 3.20 23.82
CA LEU A 347 6.58 2.42 22.59
C LEU A 347 7.98 2.09 22.08
N TYR A 348 8.84 3.10 22.05
CA TYR A 348 10.18 2.89 21.53
C TYR A 348 11.07 2.07 22.46
N LYS A 349 10.78 2.08 23.76
CA LYS A 349 11.49 1.19 24.67
C LYS A 349 10.97 -0.26 24.51
N ASP A 350 9.68 -0.43 24.23
CA ASP A 350 9.15 -1.75 23.85
C ASP A 350 9.91 -2.28 22.62
N TYR A 351 9.90 -1.46 21.57
CA TYR A 351 10.64 -1.76 20.35
C TYR A 351 12.08 -2.17 20.66
N GLU A 352 12.71 -1.46 21.59
CA GLU A 352 14.09 -1.72 21.97
C GLU A 352 14.25 -3.09 22.64
N LYS A 353 13.36 -3.44 23.56
CA LYS A 353 13.41 -4.73 24.25
C LYS A 353 12.97 -5.87 23.34
N GLU A 354 12.05 -5.58 22.44
CA GLU A 354 11.55 -6.60 21.54
C GLU A 354 12.65 -7.01 20.55
N LEU A 355 13.47 -6.02 20.13
CA LEU A 355 14.63 -6.27 19.30
C LEU A 355 15.90 -6.55 20.12
N SER A 356 15.77 -6.46 21.44
CA SER A 356 16.91 -6.64 22.36
C SER A 356 17.57 -8.00 22.17
N SER A 357 16.75 -9.02 22.02
CA SER A 357 17.22 -10.39 21.83
C SER A 357 18.06 -10.56 20.56
N ALA A 358 17.65 -9.94 19.47
CA ALA A 358 18.35 -10.12 18.19
C ALA A 358 19.52 -9.15 18.02
N GLY A 359 19.83 -8.39 19.06
CA GLY A 359 20.92 -7.42 19.00
C GLY A 359 20.66 -6.29 18.01
N ARG A 360 19.47 -6.29 17.42
CA ARG A 360 19.09 -5.29 16.45
C ARG A 360 18.48 -4.08 17.15
N SER A 361 18.76 -3.95 18.45
CA SER A 361 18.16 -2.94 19.30
C SER A 361 18.50 -1.52 18.84
N HIS A 362 19.76 -1.31 18.50
CA HIS A 362 20.26 0.00 18.10
C HIS A 362 19.48 0.64 16.94
N ILE A 363 18.91 -0.17 16.05
CA ILE A 363 18.33 0.37 14.81
C ILE A 363 17.04 1.16 15.02
N VAL A 364 16.50 1.12 16.24
CA VAL A 364 15.29 1.85 16.58
C VAL A 364 15.44 3.36 16.38
N CYS A 365 16.65 3.89 16.62
CA CYS A 365 16.85 5.33 16.53
C CYS A 365 16.68 5.88 15.11
N HIS A 366 16.69 5.01 14.10
CA HIS A 366 16.40 5.45 12.74
C HIS A 366 14.95 5.83 12.62
N ALA A 367 14.07 5.07 13.26
CA ALA A 367 12.65 5.39 13.22
C ALA A 367 12.39 6.67 14.00
N ILE A 368 13.05 6.80 15.15
CA ILE A 368 12.88 7.93 16.04
C ILE A 368 13.25 9.25 15.35
N GLU A 369 14.38 9.29 14.67
CA GLU A 369 14.80 10.50 13.98
C GLU A 369 13.81 10.89 12.87
N ARG A 370 13.24 9.90 12.19
CA ARG A 370 12.20 10.16 11.21
C ARG A 370 10.94 10.71 11.84
N MET A 371 10.59 10.22 13.02
CA MET A 371 9.41 10.71 13.70
C MET A 371 9.60 12.14 14.18
N LYS A 372 10.79 12.44 14.67
CA LYS A 372 11.13 13.80 15.06
C LYS A 372 10.93 14.72 13.84
N GLU A 373 11.35 14.25 12.68
CA GLU A 373 11.21 14.98 11.41
C GLU A 373 9.74 15.26 11.07
N VAL A 374 8.90 14.26 11.25
CA VAL A 374 7.47 14.39 11.01
C VAL A 374 6.87 15.44 11.93
N VAL A 375 7.12 15.29 13.22
CA VAL A 375 6.59 16.18 14.24
C VAL A 375 7.01 17.62 13.99
N ARG A 376 8.28 17.81 13.64
CA ARG A 376 8.78 19.14 13.29
C ARG A 376 7.91 19.76 12.19
N ASN A 377 7.67 19.02 11.11
CA ASN A 377 6.94 19.55 9.96
C ASN A 377 5.44 19.68 10.23
N TYR A 378 4.91 18.93 11.20
CA TYR A 378 3.54 19.13 11.66
C TYR A 378 3.39 20.54 12.26
N ASN A 379 4.38 20.95 13.04
CA ASN A 379 4.30 22.23 13.70
C ASN A 379 4.38 23.40 12.71
N VAL A 380 5.11 23.21 11.62
CA VAL A 380 5.16 24.19 10.56
C VAL A 380 3.78 24.35 9.93
N GLU A 381 3.16 23.22 9.57
CA GLU A 381 1.83 23.19 8.98
C GLU A 381 0.79 23.87 9.87
N SER A 382 0.84 23.58 11.16
CA SER A 382 -0.02 24.24 12.12
C SER A 382 0.16 25.76 12.02
N THR A 383 1.40 26.22 12.21
CA THR A 383 1.71 27.64 12.17
C THR A 383 1.17 28.30 10.90
N TRP A 384 1.28 27.62 9.77
CA TRP A 384 0.79 28.16 8.50
C TRP A 384 -0.71 28.41 8.48
N PHE A 385 -1.51 27.50 9.05
CA PHE A 385 -2.94 27.74 9.17
C PHE A 385 -3.31 28.93 10.07
N ILE A 386 -2.83 28.91 11.31
CA ILE A 386 -3.12 29.96 12.27
C ILE A 386 -2.73 31.34 11.75
N GLU A 387 -1.57 31.42 11.09
CA GLU A 387 -1.13 32.68 10.50
C GLU A 387 -1.88 32.92 9.18
N GLY A 388 -2.41 31.85 8.59
CA GLY A 388 -3.13 31.93 7.32
C GLY A 388 -2.23 31.95 6.09
N TYR A 389 -0.96 31.64 6.32
CA TYR A 389 0.07 31.67 5.29
C TYR A 389 -0.18 30.58 4.24
N THR A 390 -0.37 31.02 3.00
CA THR A 390 -0.51 30.13 1.85
C THR A 390 0.76 30.13 1.02
N PRO A 391 1.75 29.33 1.41
CA PRO A 391 3.07 29.32 0.76
C PRO A 391 3.04 29.00 -0.74
N PRO A 392 4.17 29.24 -1.41
CA PRO A 392 4.36 28.74 -2.78
C PRO A 392 4.33 27.23 -2.78
N VAL A 393 3.90 26.60 -3.86
CA VAL A 393 3.71 25.17 -3.81
C VAL A 393 5.02 24.43 -3.60
N SER A 394 6.12 25.09 -3.93
CA SER A 394 7.40 24.42 -3.77
C SER A 394 7.71 24.33 -2.28
N GLU A 395 7.64 25.47 -1.60
CA GLU A 395 7.85 25.55 -0.14
C GLU A 395 6.86 24.63 0.58
N TYR A 396 5.63 24.62 0.09
CA TYR A 396 4.59 23.79 0.67
C TYR A 396 4.97 22.31 0.67
N LEU A 397 5.54 21.82 -0.42
CA LEU A 397 5.89 20.41 -0.50
C LEU A 397 7.11 20.07 0.33
N SER A 398 8.09 20.95 0.34
CA SER A 398 9.28 20.71 1.15
C SER A 398 8.91 20.46 2.61
N ASN A 399 7.73 20.92 3.01
CA ASN A 399 7.23 20.59 4.35
C ASN A 399 6.22 19.42 4.35
N ALA A 400 5.38 19.38 3.32
CA ALA A 400 4.21 18.51 3.32
C ALA A 400 4.55 17.06 3.02
N LEU A 401 5.68 16.85 2.34
CA LEU A 401 6.12 15.49 2.06
C LEU A 401 6.28 14.67 3.34
N ALA A 402 7.07 15.15 4.30
CA ALA A 402 7.26 14.41 5.55
C ALA A 402 5.97 14.26 6.35
N THR A 403 5.06 15.23 6.25
CA THR A 403 3.80 15.13 7.02
C THR A 403 2.85 14.00 6.57
N THR A 404 3.18 13.36 5.44
CA THR A 404 2.43 12.18 5.00
C THR A 404 2.71 11.00 5.92
N THR A 405 3.76 11.15 6.71
CA THR A 405 4.30 10.13 7.62
C THR A 405 5.02 9.02 6.86
N TYR A 406 5.10 9.13 5.54
CA TYR A 406 5.54 7.98 4.76
C TYR A 406 7.04 7.70 4.82
N TYR A 407 7.88 8.73 4.97
CA TYR A 407 9.30 8.47 5.21
C TYR A 407 9.42 7.65 6.48
N TYR A 408 8.62 8.08 7.45
CA TYR A 408 8.59 7.48 8.77
C TYR A 408 8.04 6.05 8.73
N LEU A 409 6.96 5.81 8.01
CA LEU A 409 6.39 4.46 7.99
C LEU A 409 7.30 3.50 7.25
N ALA A 410 7.94 4.01 6.20
CA ALA A 410 8.86 3.20 5.42
C ALA A 410 9.99 2.72 6.32
N THR A 411 10.52 3.63 7.11
CA THR A 411 11.61 3.32 8.01
C THR A 411 11.16 2.36 9.10
N THR A 412 9.93 2.55 9.57
CA THR A 412 9.38 1.69 10.62
C THR A 412 9.19 0.26 10.13
N SER A 413 8.74 0.13 8.89
CA SER A 413 8.45 -1.16 8.29
C SER A 413 9.70 -2.04 8.27
N TYR A 414 10.87 -1.43 8.25
CA TYR A 414 12.11 -2.22 8.30
C TYR A 414 12.43 -2.75 9.70
N LEU A 415 11.87 -2.14 10.74
CA LEU A 415 12.25 -2.47 12.10
C LEU A 415 12.07 -3.96 12.38
N GLY A 416 10.97 -4.52 11.90
CA GLY A 416 10.66 -5.92 12.15
C GLY A 416 11.32 -6.93 11.23
N MET A 417 11.73 -6.47 10.04
CA MET A 417 12.35 -7.37 9.07
C MET A 417 13.73 -7.78 9.52
N LYS A 418 13.93 -9.06 9.78
CA LYS A 418 15.17 -9.50 10.39
C LYS A 418 16.38 -9.36 9.46
N SER A 419 16.14 -9.40 8.14
CA SER A 419 17.24 -9.27 7.19
C SER A 419 17.73 -7.82 6.98
N ALA A 420 16.98 -6.87 7.51
CA ALA A 420 17.35 -5.47 7.41
C ALA A 420 18.68 -5.18 8.09
N THR A 421 19.64 -4.68 7.31
CA THR A 421 20.96 -4.34 7.82
C THR A 421 21.08 -2.82 7.93
N GLU A 422 22.14 -2.36 8.58
CA GLU A 422 22.34 -0.93 8.73
C GLU A 422 22.47 -0.25 7.36
N GLN A 423 23.03 -0.98 6.40
CA GLN A 423 23.20 -0.48 5.04
C GLN A 423 21.85 -0.21 4.40
N ASP A 424 20.84 -0.96 4.81
CA ASP A 424 19.51 -0.74 4.30
C ASP A 424 18.97 0.58 4.82
N PHE A 425 19.14 0.82 6.12
CA PHE A 425 18.66 2.05 6.75
C PHE A 425 19.40 3.25 6.20
N GLU A 426 20.70 3.09 5.97
CA GLU A 426 21.51 4.19 5.45
C GLU A 426 20.98 4.61 4.07
N TRP A 427 20.65 3.63 3.25
CA TRP A 427 20.06 3.91 1.94
C TRP A 427 18.75 4.64 2.09
N LEU A 428 17.87 4.13 2.95
CA LEU A 428 16.56 4.73 3.14
C LEU A 428 16.67 6.18 3.64
N SER A 429 17.72 6.45 4.42
CA SER A 429 17.85 7.73 5.08
C SER A 429 18.22 8.85 4.12
N LYS A 430 18.74 8.50 2.95
CA LYS A 430 19.17 9.50 1.99
C LYS A 430 18.03 9.90 1.05
N ASN A 431 16.81 9.54 1.42
CA ASN A 431 15.63 9.81 0.61
C ASN A 431 15.69 9.32 -0.83
N PRO A 432 15.85 8.00 -1.04
CA PRO A 432 15.96 7.44 -2.39
C PRO A 432 14.73 7.69 -3.25
N LYS A 433 14.92 7.74 -4.57
CA LYS A 433 13.87 8.18 -5.49
C LYS A 433 12.60 7.35 -5.36
N ILE A 434 12.71 6.04 -5.17
CA ILE A 434 11.52 5.20 -5.02
C ILE A 434 10.71 5.62 -3.77
N LEU A 435 11.40 5.97 -2.69
CA LEU A 435 10.73 6.39 -1.46
C LEU A 435 10.05 7.73 -1.67
N GLU A 436 10.71 8.64 -2.34
CA GLU A 436 10.14 9.98 -2.53
C GLU A 436 8.89 9.89 -3.41
N ALA A 437 8.92 9.02 -4.42
CA ALA A 437 7.76 8.84 -5.29
C ALA A 437 6.55 8.34 -4.51
N SER A 438 6.78 7.35 -3.67
CA SER A 438 5.72 6.84 -2.82
C SER A 438 5.15 7.97 -1.92
N VAL A 439 6.06 8.73 -1.30
CA VAL A 439 5.67 9.89 -0.48
C VAL A 439 4.85 10.91 -1.28
N ILE A 440 5.25 11.16 -2.52
CA ILE A 440 4.56 12.11 -3.37
C ILE A 440 3.15 11.63 -3.71
N ILE A 441 3.00 10.37 -4.09
CA ILE A 441 1.69 9.80 -4.37
C ILE A 441 0.73 9.95 -3.19
N CYS A 442 1.24 9.67 -1.99
CA CYS A 442 0.43 9.85 -0.79
C CYS A 442 -0.01 11.31 -0.63
N ARG A 443 0.95 12.22 -0.67
CA ARG A 443 0.65 13.65 -0.51
C ARG A 443 -0.40 14.16 -1.49
N VAL A 444 -0.13 14.01 -2.79
CA VAL A 444 -1.01 14.62 -3.76
C VAL A 444 -2.40 14.01 -3.79
N ILE A 445 -2.50 12.70 -3.51
CA ILE A 445 -3.79 12.03 -3.49
C ILE A 445 -4.58 12.35 -2.21
N ASP A 446 -3.87 12.37 -1.08
CA ASP A 446 -4.46 12.86 0.16
C ASP A 446 -5.06 14.26 -0.03
N ASP A 447 -4.29 15.17 -0.63
CA ASP A 447 -4.74 16.56 -0.73
C ASP A 447 -5.92 16.70 -1.68
N THR A 448 -6.06 15.76 -2.60
CA THR A 448 -7.16 15.80 -3.55
C THR A 448 -8.40 15.22 -2.89
N ALA A 449 -8.21 14.11 -2.19
CA ALA A 449 -9.30 13.34 -1.61
C ALA A 449 -9.81 13.91 -0.27
N THR A 450 -8.87 14.25 0.62
CA THR A 450 -9.20 14.84 1.91
C THR A 450 -9.31 16.36 1.80
N TYR A 451 -9.81 16.82 0.67
CA TYR A 451 -10.17 18.22 0.46
C TYR A 451 -11.44 18.22 -0.38
N GLU A 452 -12.53 18.72 0.18
CA GLU A 452 -12.53 19.36 1.49
C GLU A 452 -13.05 18.48 2.63
N VAL A 453 -12.15 18.19 3.58
CA VAL A 453 -12.52 17.59 4.87
C VAL A 453 -12.42 18.57 6.08
N GLU A 454 -11.50 19.56 6.19
CA GLU A 454 -10.23 19.84 5.47
C GLU A 454 -10.30 20.18 3.97
N LYS A 455 -10.93 21.28 3.55
CA LYS A 455 -11.44 22.36 4.39
C LYS A 455 -12.92 22.18 4.71
N SER A 456 -13.19 21.81 5.95
CA SER A 456 -14.53 21.82 6.52
C SER A 456 -14.33 22.03 8.00
N ARG A 457 -13.05 22.11 8.36
CA ARG A 457 -12.63 22.64 9.64
C ARG A 457 -12.16 24.08 9.39
N GLY A 458 -12.72 24.67 8.33
CA GLY A 458 -12.48 26.06 7.98
C GLY A 458 -11.07 26.30 7.51
N GLN A 459 -10.39 25.22 7.11
CA GLN A 459 -9.00 25.27 6.72
C GLN A 459 -8.70 26.31 5.63
N ILE A 460 -7.44 26.72 5.55
CA ILE A 460 -6.95 27.56 4.47
C ILE A 460 -5.48 27.24 4.17
N ALA A 461 -4.90 26.33 4.95
CA ALA A 461 -3.49 25.97 4.80
C ALA A 461 -3.29 24.91 3.72
N THR A 462 -4.38 24.47 3.10
CA THR A 462 -4.37 23.30 2.22
C THR A 462 -3.48 23.50 1.00
N GLY A 463 -2.77 22.44 0.61
CA GLY A 463 -1.85 22.49 -0.51
C GLY A 463 -2.52 22.70 -1.85
N ILE A 464 -3.77 22.30 -1.96
CA ILE A 464 -4.54 22.53 -3.18
C ILE A 464 -4.70 24.03 -3.35
N GLU A 465 -5.04 24.71 -2.26
CA GLU A 465 -5.28 26.15 -2.30
C GLU A 465 -3.99 26.92 -2.60
N CYS A 466 -2.85 26.34 -2.22
CA CYS A 466 -1.54 26.84 -2.66
C CYS A 466 -1.42 26.80 -4.17
N CYS A 467 -1.58 25.60 -4.71
CA CYS A 467 -1.46 25.34 -6.14
C CYS A 467 -2.38 26.23 -6.98
N MET A 468 -3.57 26.50 -6.46
CA MET A 468 -4.49 27.43 -7.12
C MET A 468 -3.94 28.86 -7.11
N ARG A 469 -3.51 29.32 -5.93
CA ARG A 469 -3.04 30.70 -5.75
C ARG A 469 -1.71 30.94 -6.46
N ASP A 470 -0.90 29.89 -6.52
CA ASP A 470 0.41 29.95 -7.12
C ASP A 470 0.34 30.05 -8.65
N TYR A 471 -0.33 29.09 -9.27
CA TYR A 471 -0.41 29.02 -10.73
C TYR A 471 -1.60 29.77 -11.31
N GLY A 472 -2.38 30.43 -10.46
CA GLY A 472 -3.59 31.12 -10.89
C GLY A 472 -4.53 30.17 -11.62
N ILE A 473 -4.91 29.09 -10.95
CA ILE A 473 -5.74 28.07 -11.59
C ILE A 473 -6.90 27.64 -10.69
N SER A 474 -7.94 27.06 -11.30
CA SER A 474 -9.14 26.68 -10.59
C SER A 474 -8.93 25.44 -9.74
N THR A 475 -9.88 25.16 -8.86
CA THR A 475 -9.80 24.04 -7.92
C THR A 475 -9.82 22.70 -8.65
N LYS A 476 -10.60 22.63 -9.72
CA LYS A 476 -10.65 21.42 -10.53
C LYS A 476 -9.31 21.26 -11.25
N GLU A 477 -8.83 22.36 -11.84
CA GLU A 477 -7.57 22.37 -12.56
C GLU A 477 -6.40 21.96 -11.70
N ALA A 478 -6.39 22.48 -10.48
CA ALA A 478 -5.30 22.21 -9.56
C ALA A 478 -5.31 20.74 -9.21
N MET A 479 -6.50 20.20 -8.97
CA MET A 479 -6.63 18.80 -8.60
C MET A 479 -6.14 17.84 -9.69
N ALA A 480 -6.33 18.25 -10.94
CA ALA A 480 -5.83 17.47 -12.07
C ALA A 480 -4.30 17.43 -12.01
N LYS A 481 -3.69 18.62 -11.97
CA LYS A 481 -2.24 18.76 -11.97
C LYS A 481 -1.60 17.97 -10.83
N PHE A 482 -2.31 17.88 -9.71
CA PHE A 482 -1.91 17.03 -8.60
C PHE A 482 -2.00 15.54 -8.98
N GLN A 483 -3.17 15.12 -9.47
CA GLN A 483 -3.37 13.74 -9.91
C GLN A 483 -2.29 13.37 -10.93
N ASN A 484 -1.91 14.33 -11.78
CA ASN A 484 -0.81 14.14 -12.71
C ASN A 484 0.54 13.87 -12.04
N MET A 485 0.81 14.54 -10.92
CA MET A 485 2.06 14.31 -10.21
C MET A 485 2.13 12.88 -9.70
N ALA A 486 0.99 12.39 -9.25
CA ALA A 486 0.85 10.99 -8.90
C ALA A 486 1.25 10.06 -10.07
N GLU A 487 0.79 10.36 -11.28
CA GLU A 487 1.12 9.51 -12.44
C GLU A 487 2.61 9.51 -12.75
N THR A 488 3.22 10.67 -12.70
CA THR A 488 4.67 10.75 -12.89
C THR A 488 5.39 9.91 -11.84
N ALA A 489 4.97 10.03 -10.58
CA ALA A 489 5.62 9.30 -9.50
C ALA A 489 5.49 7.75 -9.66
N TRP A 490 4.39 7.27 -10.22
CA TRP A 490 4.27 5.82 -10.46
C TRP A 490 5.33 5.32 -11.44
N LYS A 491 5.64 6.13 -12.45
CA LYS A 491 6.72 5.79 -13.38
C LYS A 491 8.05 5.65 -12.64
N ASP A 492 8.33 6.53 -11.69
CA ASP A 492 9.54 6.42 -10.86
C ASP A 492 9.52 5.25 -9.89
N ILE A 493 8.33 4.84 -9.46
CA ILE A 493 8.28 3.67 -8.63
C ILE A 493 8.62 2.47 -9.49
N ASN A 494 7.95 2.35 -10.64
CA ASN A 494 8.21 1.22 -11.53
C ASN A 494 9.69 1.17 -11.94
N GLU A 495 10.31 2.32 -12.14
CA GLU A 495 11.72 2.37 -12.51
C GLU A 495 12.61 1.98 -11.33
N GLY A 496 12.16 2.31 -10.11
CA GLY A 496 12.86 1.94 -8.90
C GLY A 496 13.03 0.44 -8.70
N LEU A 497 12.07 -0.35 -9.22
CA LEU A 497 12.12 -1.80 -9.08
C LEU A 497 13.05 -2.51 -10.05
N LEU A 498 13.48 -1.82 -11.11
CA LEU A 498 14.27 -2.48 -12.14
C LEU A 498 15.68 -2.82 -11.66
N ARG A 499 16.17 -3.99 -12.08
CA ARG A 499 17.51 -4.43 -11.70
C ARG A 499 18.55 -3.69 -12.52
N PRO A 500 19.75 -3.48 -11.94
CA PRO A 500 20.13 -3.78 -10.55
C PRO A 500 19.51 -2.81 -9.55
N THR A 501 18.97 -3.38 -8.47
CA THR A 501 18.28 -2.63 -7.40
C THR A 501 19.28 -2.18 -6.34
N PRO A 502 19.07 -0.99 -5.78
CA PRO A 502 20.06 -0.46 -4.84
C PRO A 502 20.12 -1.28 -3.54
N VAL A 503 19.00 -1.91 -3.19
CA VAL A 503 18.91 -2.82 -2.07
C VAL A 503 18.07 -4.01 -2.49
N SER A 504 17.97 -5.03 -1.64
CA SER A 504 17.19 -6.21 -1.99
C SER A 504 15.74 -5.86 -2.22
N THR A 505 15.13 -6.53 -3.19
CA THR A 505 13.72 -6.37 -3.49
C THR A 505 12.84 -6.44 -2.25
N GLU A 506 13.26 -7.26 -1.29
CA GLU A 506 12.59 -7.38 -0.01
C GLU A 506 12.37 -6.00 0.64
N PHE A 507 13.32 -5.10 0.46
CA PHE A 507 13.21 -3.80 1.09
C PHE A 507 12.63 -2.72 0.16
N LEU A 508 12.29 -3.11 -1.07
CA LEU A 508 11.61 -2.21 -2.00
C LEU A 508 10.11 -2.38 -1.97
N THR A 509 9.68 -3.63 -1.86
CA THR A 509 8.25 -3.97 -1.87
C THR A 509 7.42 -3.24 -0.81
N PRO A 510 7.95 -3.07 0.42
CA PRO A 510 7.10 -2.32 1.36
C PRO A 510 6.81 -0.88 0.88
N ILE A 511 7.76 -0.29 0.17
CA ILE A 511 7.58 1.09 -0.30
C ILE A 511 6.55 1.15 -1.43
N LEU A 512 6.63 0.18 -2.34
CA LEU A 512 5.61 -0.01 -3.36
C LEU A 512 4.24 -0.21 -2.74
N ASN A 513 4.17 -1.11 -1.76
CA ASN A 513 2.88 -1.41 -1.11
C ASN A 513 2.31 -0.18 -0.38
N LEU A 514 3.20 0.68 0.15
CA LEU A 514 2.76 1.94 0.76
C LEU A 514 2.00 2.80 -0.27
N ALA A 515 2.50 2.84 -1.50
CA ALA A 515 1.85 3.59 -2.56
C ALA A 515 0.51 2.98 -2.94
N ARG A 516 0.46 1.65 -3.06
CA ARG A 516 -0.78 0.91 -3.33
C ARG A 516 -1.90 1.23 -2.33
N ILE A 517 -1.55 1.18 -1.05
CA ILE A 517 -2.51 1.51 0.01
C ILE A 517 -3.13 2.90 -0.19
N VAL A 518 -2.35 3.84 -0.71
CA VAL A 518 -2.89 5.17 -0.96
C VAL A 518 -3.98 5.09 -2.03
N GLU A 519 -3.68 4.42 -3.13
CA GLU A 519 -4.61 4.35 -4.26
C GLU A 519 -5.89 3.66 -3.86
N VAL A 520 -5.75 2.62 -3.06
CA VAL A 520 -6.87 1.83 -2.60
C VAL A 520 -7.76 2.56 -1.58
N THR A 521 -7.15 3.19 -0.57
CA THR A 521 -7.87 3.90 0.48
C THR A 521 -8.58 5.17 0.00
N TYR A 522 -8.06 5.79 -1.05
CA TYR A 522 -8.66 7.02 -1.55
C TYR A 522 -9.29 6.85 -2.92
N ILE A 523 -9.62 5.61 -3.26
CA ILE A 523 -10.26 5.30 -4.53
C ILE A 523 -11.54 6.14 -4.64
N HIS A 524 -11.83 6.59 -5.86
CA HIS A 524 -12.98 7.44 -6.16
C HIS A 524 -12.89 8.78 -5.43
N ASN A 525 -11.68 9.11 -5.00
CA ASN A 525 -11.39 10.40 -4.40
C ASN A 525 -12.13 10.65 -3.07
N LEU A 526 -12.13 9.66 -2.20
CA LEU A 526 -12.76 9.78 -0.89
C LEU A 526 -11.77 9.48 0.22
N ASP A 527 -11.99 10.04 1.42
CA ASP A 527 -11.09 9.78 2.53
C ASP A 527 -11.51 8.47 3.19
N GLY A 528 -10.96 7.36 2.70
CA GLY A 528 -11.31 6.06 3.21
C GLY A 528 -10.89 5.84 4.65
N TYR A 529 -9.94 6.62 5.13
CA TYR A 529 -9.43 6.44 6.49
C TYR A 529 -10.31 7.13 7.52
N THR A 530 -10.75 8.33 7.17
CA THR A 530 -11.58 9.11 8.07
C THR A 530 -13.03 8.62 7.98
N HIS A 531 -13.39 8.17 6.79
CA HIS A 531 -14.71 7.59 6.53
C HIS A 531 -14.60 6.17 5.99
N PRO A 532 -14.26 5.22 6.88
CA PRO A 532 -13.99 3.82 6.54
C PRO A 532 -15.22 3.12 6.00
N GLU A 533 -16.38 3.68 6.29
CA GLU A 533 -17.67 3.12 5.93
C GLU A 533 -17.69 2.53 4.53
N LYS A 534 -17.63 3.40 3.52
CA LYS A 534 -17.82 2.97 2.15
C LYS A 534 -16.68 2.09 1.64
N VAL A 535 -15.43 2.50 1.86
CA VAL A 535 -14.31 1.81 1.24
C VAL A 535 -13.64 0.70 2.05
N LEU A 536 -13.18 1.04 3.26
CA LEU A 536 -12.27 0.15 3.98
C LEU A 536 -13.00 -0.98 4.68
N LYS A 537 -14.20 -0.68 5.16
CA LYS A 537 -15.00 -1.65 5.89
C LYS A 537 -15.15 -2.96 5.11
N PRO A 538 -15.52 -2.90 3.81
CA PRO A 538 -15.60 -4.14 3.03
C PRO A 538 -14.28 -4.90 2.94
N HIS A 539 -13.20 -4.17 2.74
CA HIS A 539 -11.88 -4.75 2.69
C HIS A 539 -11.55 -5.47 3.99
N ILE A 540 -11.87 -4.82 5.11
CA ILE A 540 -11.57 -5.35 6.42
C ILE A 540 -12.40 -6.61 6.69
N ILE A 541 -13.65 -6.57 6.29
CA ILE A 541 -14.51 -7.73 6.44
C ILE A 541 -13.97 -8.94 5.69
N ASN A 542 -13.59 -8.74 4.43
CA ASN A 542 -13.13 -9.84 3.59
C ASN A 542 -11.76 -10.36 3.97
N LEU A 543 -10.91 -9.49 4.53
CA LEU A 543 -9.57 -9.93 4.88
C LEU A 543 -9.46 -10.44 6.32
N LEU A 544 -10.40 -10.06 7.17
CA LEU A 544 -10.19 -10.23 8.62
C LEU A 544 -11.41 -10.77 9.35
N VAL A 545 -12.57 -10.74 8.71
CA VAL A 545 -13.76 -11.28 9.34
C VAL A 545 -14.17 -12.60 8.68
N ASP A 546 -14.67 -12.52 7.44
CA ASP A 546 -15.19 -13.69 6.72
C ASP A 546 -14.08 -14.55 6.12
N SER A 547 -14.09 -15.84 6.43
CA SER A 547 -13.21 -16.78 5.75
C SER A 547 -13.71 -17.07 4.34
N ILE A 548 -12.82 -17.57 3.50
CA ILE A 548 -13.24 -18.05 2.20
C ILE A 548 -14.01 -19.34 2.40
N LYS A 549 -15.23 -19.40 1.91
CA LYS A 549 -16.02 -20.62 2.09
C LYS A 549 -15.34 -21.71 1.27
N ILE A 550 -15.07 -22.82 1.93
CA ILE A 550 -14.29 -23.89 1.33
C ILE A 550 -15.16 -24.90 0.53
MG MG B . -5.47 15.48 4.32
MG MG C . -4.59 15.41 9.40
MG MG D . -2.00 16.71 9.04
C1 BTB E . -0.74 8.46 9.34
O1 BTB E . -0.93 7.10 9.78
C2 BTB E . -2.06 8.97 8.78
C3 BTB E . -1.87 10.45 8.45
O3 BTB E . -2.97 11.06 7.79
C4 BTB E . -3.07 8.74 9.89
O4 BTB E . -3.18 9.94 10.66
N BTB E . -2.26 8.12 7.56
C5 BTB E . -3.49 8.18 6.72
C6 BTB E . -4.81 8.72 7.26
O6 BTB E . -5.59 9.35 6.23
C7 BTB E . -1.07 8.30 6.70
C8 BTB E . -1.42 8.84 5.31
O8 BTB E . -1.82 10.22 5.38
P1 DPO F . -5.05 13.27 6.83
O1 DPO F . -5.33 13.86 8.21
O2 DPO F . -5.08 11.76 6.78
O3 DPO F . -5.79 13.93 5.70
O4 DPO F . -3.49 13.54 6.55
P2 DPO F . -2.88 15.03 6.46
O5 DPO F . -3.29 15.67 7.78
O6 DPO F . -1.40 14.76 6.32
O7 DPO F . -3.62 15.63 5.28
#